data_5XXY
#
_entry.id   5XXY
#
_cell.length_a   127.220
_cell.length_b   72.710
_cell.length_c   63.800
_cell.angle_alpha   90.00
_cell.angle_beta   104.44
_cell.angle_gamma   90.00
#
_symmetry.space_group_name_H-M   'C 1 2 1'
#
loop_
_entity.id
_entity.type
_entity.pdbx_description
1 polymer 'heavy chain of atezolizumab fab'
2 polymer 'light chain of atezolizumab fab'
3 polymer 'Programmed cell death 1 ligand 1'
4 water water
#
loop_
_entity_poly.entity_id
_entity_poly.type
_entity_poly.pdbx_seq_one_letter_code
_entity_poly.pdbx_strand_id
1 'polypeptide(L)'
;EVQLVESGGGLVQPGGSLRLSCAASGFTFSDSWIHWVRQAPGKGLEWVAWISPYGGSTYYADSVKGRFTISADTSKNTAY
LQMNSLRAEDTAVYYCARRHWPGGFDYWGQGTLVTVSAASTKGPSVFPLAPSSKSTSGGTAALGCLVKDYFPEPVTVSWN
SGALTSGVHTFPAVLQSSGLYSLSSVVTVPSSSLGTQTYICNVNHKPSNTKVDKKVEPKSCDKTHTMDPGGSHHHHHHHH
;
H
2 'polypeptide(L)'
;DIQMTQSPSSLSASVGDRVTITCRASQDVSTAVAWYQQKPGKAPKLLIYSASFLYSGVPSRFSGSGSGTDFTLTISSLQP
EDFATYYCQQYLYHPATFGQGTKVEIKRTVAAPSVFIFPPSDEQLKSGTASVVCLLNNFYPREAKVQWKVDNALQSGNSQ
ESVTEQDSKDSTYSLSSTLTLSKADYEKHKVYACEVTHQGLSSPVTKSFNRGEC
;
L
3 'polypeptide(L)'
;AFTVTVPKDLYVVEYGSNMTIECKFPVEKQLDLAALIVYWEMEDKNIIQFVHGEEDLKVQHSSYRQRARLLKDQLSLGNA
ALQITDVKLQDAGVYRCMISYGGADYKRITVKVNAPGSHHHHHH
;
A
#
# COMPACT_ATOMS: atom_id res chain seq x y z
N GLU A 1 -16.26 -8.48 7.55
CA GLU A 1 -15.16 -8.09 8.47
C GLU A 1 -14.02 -9.09 8.41
N VAL A 2 -13.58 -9.38 7.19
CA VAL A 2 -12.31 -10.05 6.99
C VAL A 2 -11.25 -8.97 7.18
N GLN A 3 -10.33 -9.17 8.11
CA GLN A 3 -9.28 -8.19 8.38
C GLN A 3 -7.92 -8.85 8.53
N LEU A 4 -6.92 -8.24 7.88
CA LEU A 4 -5.53 -8.66 7.99
C LEU A 4 -4.74 -7.56 8.67
N VAL A 5 -4.71 -7.58 10.00
CA VAL A 5 -4.02 -6.55 10.77
C VAL A 5 -2.53 -6.84 10.85
N GLU A 6 -1.73 -5.90 10.35
CA GLU A 6 -0.27 -6.04 10.36
C GLU A 6 0.36 -5.30 11.52
N SER A 7 1.66 -5.53 11.71
CA SER A 7 2.44 -4.83 12.72
C SER A 7 3.92 -5.08 12.45
N GLY A 8 4.78 -4.38 13.18
CA GLY A 8 6.22 -4.60 13.10
C GLY A 8 6.97 -3.58 12.27
N GLY A 9 6.25 -2.62 11.68
CA GLY A 9 6.89 -1.59 10.90
C GLY A 9 7.70 -0.65 11.76
N GLY A 10 8.69 -0.01 11.17
CA GLY A 10 9.52 0.94 11.91
C GLY A 10 10.93 1.07 11.33
N LEU A 11 11.82 1.63 12.14
CA LEU A 11 13.18 1.91 11.71
C LEU A 11 14.09 0.70 11.91
N VAL A 12 14.90 0.41 10.90
CA VAL A 12 15.88 -0.66 10.97
C VAL A 12 17.18 -0.17 10.36
N GLN A 13 18.30 -0.66 10.86
CA GLN A 13 19.60 -0.31 10.30
C GLN A 13 19.96 -1.31 9.21
N PRO A 14 20.75 -0.89 8.22
CA PRO A 14 21.16 -1.86 7.19
C PRO A 14 21.94 -3.01 7.81
N GLY A 15 21.65 -4.23 7.37
CA GLY A 15 22.22 -5.41 7.98
C GLY A 15 21.31 -5.95 9.07
N GLY A 16 20.53 -5.07 9.66
CA GLY A 16 19.62 -5.44 10.74
C GLY A 16 18.48 -6.31 10.24
N SER A 17 17.57 -6.66 11.14
CA SER A 17 16.46 -7.56 10.81
C SER A 17 15.13 -6.99 11.30
N LEU A 18 14.04 -7.55 10.80
CA LEU A 18 12.71 -7.17 11.28
C LEU A 18 11.69 -8.28 11.05
N ARG A 19 10.80 -8.45 12.03
CA ARG A 19 9.71 -9.42 11.92
C ARG A 19 8.39 -8.66 11.75
N LEU A 20 7.68 -8.96 10.66
CA LEU A 20 6.35 -8.38 10.43
C LEU A 20 5.28 -9.41 10.74
N SER A 21 4.24 -8.98 11.44
CA SER A 21 3.10 -9.84 11.73
C SER A 21 1.97 -9.49 10.77
N CYS A 22 1.15 -10.47 10.43
CA CYS A 22 -0.06 -10.24 9.65
C CYS A 22 -1.20 -11.10 10.23
N ALA A 23 -1.91 -10.53 11.20
CA ALA A 23 -2.96 -11.27 11.91
C ALA A 23 -4.27 -11.28 11.12
N ALA A 24 -4.79 -12.49 10.89
CA ALA A 24 -5.94 -12.68 10.01
C ALA A 24 -7.18 -13.12 10.80
N SER A 25 -8.35 -12.88 10.21
CA SER A 25 -9.62 -13.31 10.77
C SER A 25 -10.74 -13.14 9.73
N GLY A 26 -11.90 -13.74 9.99
CA GLY A 26 -13.04 -13.61 9.12
C GLY A 26 -13.03 -14.60 7.96
N PHE A 27 -12.13 -15.57 8.02
CA PHE A 27 -12.04 -16.60 6.99
C PHE A 27 -11.11 -17.72 7.46
N THR A 28 -11.33 -18.92 6.93
CA THR A 28 -10.49 -20.06 7.30
C THR A 28 -9.08 -19.82 6.81
N PHE A 29 -8.15 -19.71 7.76
CA PHE A 29 -6.76 -19.38 7.46
C PHE A 29 -6.00 -20.60 6.96
N SER A 30 -6.39 -21.77 7.43
CA SER A 30 -5.76 -23.02 7.02
C SER A 30 -5.97 -23.24 5.53
N ASP A 31 -7.16 -22.88 5.05
CA ASP A 31 -7.51 -23.07 3.65
C ASP A 31 -7.13 -21.85 2.79
N SER A 32 -6.45 -20.88 3.40
CA SER A 32 -6.11 -19.64 2.69
C SER A 32 -4.74 -19.73 2.04
N TRP A 33 -4.37 -18.66 1.34
CA TRP A 33 -3.09 -18.57 0.67
C TRP A 33 -2.59 -17.13 0.80
N ILE A 34 -1.56 -16.94 1.62
CA ILE A 34 -1.12 -15.61 2.02
C ILE A 34 0.12 -15.17 1.25
N HIS A 35 0.07 -13.95 0.71
CA HIS A 35 1.16 -13.36 -0.07
C HIS A 35 1.76 -12.15 0.64
N TRP A 36 2.78 -11.57 0.03
CA TRP A 36 3.34 -10.31 0.50
C TRP A 36 3.72 -9.44 -0.69
N VAL A 37 3.25 -8.20 -0.64
CA VAL A 37 3.49 -7.24 -1.71
C VAL A 37 4.00 -5.95 -1.08
N ARG A 38 5.18 -5.49 -1.54
CA ARG A 38 5.78 -4.28 -1.01
C ARG A 38 5.70 -3.16 -2.03
N GLN A 39 5.93 -1.94 -1.56
CA GLN A 39 5.72 -0.74 -2.37
C GLN A 39 6.48 0.44 -1.79
N ALA A 40 7.64 0.73 -2.35
CA ALA A 40 8.42 1.88 -1.92
C ALA A 40 7.64 3.14 -2.24
N PRO A 41 7.88 4.23 -1.50
CA PRO A 41 7.13 5.46 -1.75
C PRO A 41 7.35 5.96 -3.18
N GLY A 42 6.26 6.17 -3.91
CA GLY A 42 6.32 6.69 -5.27
C GLY A 42 6.37 5.60 -6.33
N LYS A 43 6.88 4.43 -5.97
CA LYS A 43 7.01 3.33 -6.93
C LYS A 43 5.78 2.42 -6.91
N GLY A 44 5.75 1.47 -7.83
CA GLY A 44 4.63 0.56 -7.96
C GLY A 44 4.69 -0.59 -6.97
N LEU A 45 4.08 -1.72 -7.34
CA LEU A 45 3.92 -2.87 -6.46
C LEU A 45 4.90 -3.99 -6.80
N GLU A 46 5.38 -4.68 -5.77
CA GLU A 46 6.32 -5.79 -5.96
C GLU A 46 6.00 -6.96 -5.04
N TRP A 47 5.61 -8.08 -5.66
CA TRP A 47 5.39 -9.32 -4.94
C TRP A 47 6.75 -9.85 -4.46
N VAL A 48 6.78 -10.38 -3.24
CA VAL A 48 8.04 -10.84 -2.64
C VAL A 48 8.00 -12.26 -2.07
N ALA A 49 6.83 -12.70 -1.62
CA ALA A 49 6.72 -14.03 -1.02
C ALA A 49 5.27 -14.49 -0.87
N TRP A 50 5.10 -15.81 -0.73
CA TRP A 50 3.82 -16.37 -0.31
C TRP A 50 4.03 -17.60 0.56
N ILE A 51 2.96 -18.06 1.20
CA ILE A 51 3.00 -19.27 2.02
C ILE A 51 1.66 -19.97 2.09
N SER A 52 1.68 -21.28 2.24
CA SER A 52 0.49 -22.07 2.52
C SER A 52 0.53 -22.49 3.99
N PRO A 53 -0.23 -21.80 4.86
CA PRO A 53 -0.10 -22.02 6.31
C PRO A 53 -0.36 -23.45 6.77
N TYR A 54 -1.21 -24.16 6.05
CA TYR A 54 -1.57 -25.53 6.42
C TYR A 54 -0.34 -26.42 6.51
N GLY A 55 0.63 -26.19 5.62
CA GLY A 55 1.86 -26.96 5.60
C GLY A 55 3.10 -26.08 5.71
N GLY A 56 2.89 -24.77 5.59
CA GLY A 56 3.99 -23.82 5.69
C GLY A 56 4.89 -23.82 4.47
N SER A 57 4.31 -24.15 3.32
CA SER A 57 5.07 -24.25 2.07
C SER A 57 5.30 -22.86 1.48
N THR A 58 6.56 -22.48 1.32
CA THR A 58 6.93 -21.10 1.00
C THR A 58 7.56 -20.92 -0.38
N TYR A 59 7.49 -19.69 -0.88
CA TYR A 59 8.07 -19.35 -2.17
C TYR A 59 8.43 -17.86 -2.16
N TYR A 60 9.70 -17.54 -2.41
CA TYR A 60 10.21 -16.18 -2.29
C TYR A 60 10.60 -15.57 -3.64
N ALA A 61 10.86 -14.27 -3.64
CA ALA A 61 11.31 -13.56 -4.84
C ALA A 61 12.83 -13.49 -4.87
N ASP A 62 13.40 -13.62 -6.06
CA ASP A 62 14.85 -13.64 -6.22
C ASP A 62 15.52 -12.46 -5.52
N SER A 63 14.77 -11.38 -5.36
CA SER A 63 15.23 -10.21 -4.64
C SER A 63 15.50 -10.56 -3.19
N VAL A 64 14.60 -11.33 -2.60
CA VAL A 64 14.58 -11.54 -1.14
C VAL A 64 14.97 -12.94 -0.71
N LYS A 65 15.08 -13.88 -1.65
CA LYS A 65 15.44 -15.26 -1.31
C LYS A 65 16.81 -15.31 -0.67
N GLY A 66 16.90 -15.98 0.48
CA GLY A 66 18.14 -16.09 1.23
C GLY A 66 18.23 -15.02 2.30
N ARG A 67 17.14 -14.26 2.46
CA ARG A 67 17.08 -13.19 3.46
C ARG A 67 15.73 -13.20 4.17
N PHE A 68 14.66 -13.04 3.40
CA PHE A 68 13.31 -13.03 3.97
C PHE A 68 12.81 -14.46 4.13
N THR A 69 12.29 -14.77 5.31
CA THR A 69 11.70 -16.08 5.58
C THR A 69 10.31 -15.92 6.18
N ILE A 70 9.30 -16.37 5.43
CA ILE A 70 7.90 -16.25 5.85
C ILE A 70 7.43 -17.50 6.57
N SER A 71 6.86 -17.30 7.76
CA SER A 71 6.28 -18.39 8.54
C SER A 71 4.84 -18.07 8.86
N ALA A 72 4.14 -19.03 9.47
CA ALA A 72 2.74 -18.85 9.80
C ALA A 72 2.36 -19.73 10.98
N ASP A 73 1.30 -19.34 11.69
CA ASP A 73 0.78 -20.13 12.80
C ASP A 73 -0.73 -20.30 12.62
N THR A 74 -1.14 -21.48 12.19
CA THR A 74 -2.54 -21.73 11.87
C THR A 74 -3.41 -21.74 13.12
N SER A 75 -2.77 -21.95 14.28
CA SER A 75 -3.48 -21.93 15.55
C SER A 75 -3.78 -20.49 15.95
N LYS A 76 -2.73 -19.74 16.24
CA LYS A 76 -2.87 -18.33 16.61
C LYS A 76 -3.39 -17.52 15.43
N ASN A 77 -3.28 -18.11 14.24
CA ASN A 77 -3.99 -17.59 13.07
C ASN A 77 -3.39 -16.29 12.53
N THR A 78 -2.07 -16.24 12.42
CA THR A 78 -1.37 -15.07 11.89
C THR A 78 -0.12 -15.51 11.12
N ALA A 79 0.20 -14.77 10.05
CA ALA A 79 1.42 -15.03 9.28
C ALA A 79 2.57 -14.19 9.82
N TYR A 80 3.77 -14.43 9.30
CA TYR A 80 4.96 -13.67 9.70
C TYR A 80 5.92 -13.50 8.53
N LEU A 81 6.83 -12.55 8.66
CA LEU A 81 7.86 -12.32 7.63
C LEU A 81 9.14 -11.83 8.28
N GLN A 82 10.07 -12.75 8.52
CA GLN A 82 11.35 -12.41 9.13
C GLN A 82 12.32 -11.92 8.07
N MET A 83 12.47 -10.60 7.98
CA MET A 83 13.42 -9.99 7.06
C MET A 83 14.76 -9.82 7.77
N ASN A 84 15.82 -10.40 7.20
CA ASN A 84 17.16 -10.27 7.78
C ASN A 84 18.17 -9.76 6.76
N SER A 85 19.25 -9.16 7.25
CA SER A 85 20.24 -8.50 6.39
C SER A 85 19.54 -7.52 5.47
N LEU A 86 19.02 -6.44 6.05
CA LEU A 86 18.21 -5.46 5.33
C LEU A 86 19.05 -4.39 4.64
N ARG A 87 18.45 -3.76 3.63
CA ARG A 87 19.10 -2.70 2.87
C ARG A 87 18.14 -1.55 2.64
N ALA A 88 18.67 -0.40 2.24
CA ALA A 88 17.85 0.78 1.99
C ALA A 88 16.90 0.53 0.83
N GLU A 89 17.27 -0.37 -0.06
CA GLU A 89 16.44 -0.73 -1.20
C GLU A 89 15.16 -1.40 -0.69
N ASP A 90 15.26 -2.06 0.45
CA ASP A 90 14.14 -2.77 1.04
C ASP A 90 13.21 -1.84 1.82
N THR A 91 13.51 -0.54 1.79
CA THR A 91 12.66 0.44 2.43
C THR A 91 11.38 0.61 1.63
N ALA A 92 10.25 0.25 2.23
CA ALA A 92 8.96 0.35 1.55
C ALA A 92 7.81 0.11 2.52
N VAL A 93 6.59 0.19 2.00
CA VAL A 93 5.40 -0.20 2.75
C VAL A 93 5.06 -1.62 2.34
N TYR A 94 5.03 -2.52 3.31
CA TYR A 94 4.74 -3.93 3.07
C TYR A 94 3.29 -4.25 3.37
N TYR A 95 2.58 -4.80 2.38
CA TYR A 95 1.19 -5.20 2.54
C TYR A 95 1.07 -6.71 2.65
N CYS A 96 0.28 -7.17 3.61
CA CYS A 96 -0.15 -8.55 3.64
C CYS A 96 -1.36 -8.65 2.71
N ALA A 97 -1.56 -9.83 2.11
CA ALA A 97 -2.65 -9.98 1.15
C ALA A 97 -2.97 -11.44 0.88
N ARG A 98 -4.24 -11.80 1.09
CA ARG A 98 -4.71 -13.16 0.85
C ARG A 98 -5.16 -13.30 -0.60
N ARG A 99 -4.99 -14.50 -1.15
CA ARG A 99 -5.32 -14.76 -2.55
C ARG A 99 -6.81 -14.94 -2.76
N HIS A 100 -7.37 -14.15 -3.67
CA HIS A 100 -8.70 -14.42 -4.19
C HIS A 100 -8.56 -15.59 -5.16
N TRP A 101 -9.20 -16.71 -4.85
CA TRP A 101 -8.96 -17.97 -5.56
C TRP A 101 -9.25 -17.90 -7.06
N PRO A 102 -10.40 -17.31 -7.45
CA PRO A 102 -10.66 -17.17 -8.88
C PRO A 102 -9.64 -16.29 -9.59
N GLY A 103 -8.92 -15.46 -8.84
CA GLY A 103 -7.90 -14.59 -9.41
C GLY A 103 -7.73 -13.29 -8.64
N GLY A 104 -6.48 -12.83 -8.52
CA GLY A 104 -6.17 -11.59 -7.83
C GLY A 104 -6.06 -11.78 -6.32
N PHE A 105 -5.80 -10.68 -5.62
CA PHE A 105 -5.74 -10.68 -4.17
C PHE A 105 -6.86 -9.81 -3.61
N ASP A 106 -7.91 -10.44 -3.09
CA ASP A 106 -9.10 -9.71 -2.66
C ASP A 106 -8.85 -8.82 -1.43
N TYR A 107 -8.54 -9.43 -0.30
CA TYR A 107 -8.44 -8.71 0.98
C TYR A 107 -7.00 -8.38 1.34
N TRP A 108 -6.71 -7.08 1.45
CA TRP A 108 -5.36 -6.59 1.75
C TRP A 108 -5.25 -6.15 3.21
N GLY A 109 -4.02 -6.04 3.69
CA GLY A 109 -3.75 -5.54 5.02
C GLY A 109 -3.64 -4.02 5.00
N GLN A 110 -3.64 -3.40 6.18
CA GLN A 110 -3.61 -1.94 6.25
C GLN A 110 -2.23 -1.38 5.90
N GLY A 111 -1.24 -2.26 5.84
CA GLY A 111 0.10 -1.87 5.45
C GLY A 111 0.91 -1.27 6.58
N THR A 112 2.21 -1.56 6.60
CA THR A 112 3.12 -0.98 7.57
C THR A 112 4.37 -0.49 6.85
N LEU A 113 4.95 0.61 7.34
CA LEU A 113 6.16 1.19 6.75
C LEU A 113 7.41 0.70 7.46
N VAL A 114 8.22 -0.07 6.76
CA VAL A 114 9.55 -0.44 7.26
C VAL A 114 10.59 0.45 6.61
N THR A 115 11.36 1.12 7.45
CA THR A 115 12.37 2.07 7.00
C THR A 115 13.76 1.54 7.35
N VAL A 116 14.59 1.34 6.33
CA VAL A 116 15.95 0.87 6.54
C VAL A 116 16.94 2.03 6.46
N SER A 117 17.47 2.43 7.60
CA SER A 117 18.43 3.52 7.67
C SER A 117 19.22 3.52 8.98
N ALA A 118 20.43 4.07 8.92
CA ALA A 118 21.28 4.18 10.10
C ALA A 118 21.03 5.48 10.84
N ALA A 119 20.19 6.33 10.27
CA ALA A 119 19.82 7.59 10.91
C ALA A 119 19.12 7.28 12.23
N SER A 120 19.37 8.11 13.24
CA SER A 120 18.78 7.89 14.56
C SER A 120 17.29 8.23 14.56
N THR A 121 16.62 7.99 15.69
CA THR A 121 15.24 8.40 15.88
C THR A 121 15.21 9.73 16.61
N LYS A 122 14.16 10.50 16.38
CA LYS A 122 13.93 11.74 17.11
C LYS A 122 12.44 12.06 17.13
N GLY A 123 11.90 12.31 18.31
CA GLY A 123 10.51 12.66 18.45
C GLY A 123 10.23 14.01 17.82
N PRO A 124 9.01 14.21 17.29
CA PRO A 124 8.70 15.52 16.70
C PRO A 124 8.43 16.57 17.76
N SER A 125 8.64 17.84 17.42
CA SER A 125 8.18 18.95 18.23
C SER A 125 6.91 19.46 17.54
N VAL A 126 5.86 19.66 18.32
CA VAL A 126 4.57 20.06 17.77
C VAL A 126 4.23 21.50 18.16
N PHE A 127 4.13 22.37 17.16
CA PHE A 127 3.82 23.77 17.38
C PHE A 127 2.45 24.11 16.83
N PRO A 128 1.66 24.91 17.58
CA PRO A 128 0.34 25.30 17.08
C PRO A 128 0.46 26.44 16.06
N LEU A 129 -0.27 26.33 14.96
CA LEU A 129 -0.33 27.41 13.98
C LEU A 129 -1.56 28.26 14.27
N ALA A 130 -1.39 29.21 15.18
CA ALA A 130 -2.51 29.96 15.74
C ALA A 130 -3.29 30.72 14.67
N PRO A 131 -4.62 30.60 14.67
CA PRO A 131 -5.44 31.35 13.72
C PRO A 131 -5.56 32.83 14.08
N SER A 132 -6.01 33.63 13.12
CA SER A 132 -6.23 35.06 13.33
C SER A 132 -7.63 35.45 12.87
N SER A 133 -8.36 36.14 13.74
CA SER A 133 -9.75 36.54 13.46
C SER A 133 -9.81 38.05 13.28
N THR A 140 -13.86 32.21 6.35
CA THR A 140 -13.69 31.11 7.29
C THR A 140 -12.31 31.18 7.96
N ALA A 141 -12.21 30.59 9.16
CA ALA A 141 -10.96 30.56 9.90
C ALA A 141 -10.16 29.31 9.52
N ALA A 142 -8.86 29.36 9.77
CA ALA A 142 -7.98 28.23 9.49
C ALA A 142 -6.85 28.16 10.53
N LEU A 143 -6.65 26.97 11.08
CA LEU A 143 -5.62 26.72 12.08
C LEU A 143 -4.88 25.44 11.73
N GLY A 144 -4.04 24.96 12.63
CA GLY A 144 -3.32 23.73 12.40
C GLY A 144 -2.23 23.45 13.41
N CYS A 145 -1.43 22.43 13.12
CA CYS A 145 -0.29 22.05 13.96
C CYS A 145 0.91 21.74 13.08
N LEU A 146 2.08 22.25 13.48
CA LEU A 146 3.32 22.02 12.76
C LEU A 146 4.15 20.95 13.46
N VAL A 147 4.30 19.80 12.81
CA VAL A 147 5.11 18.71 13.33
C VAL A 147 6.52 18.79 12.75
N LYS A 148 7.46 19.24 13.57
CA LYS A 148 8.78 19.66 13.09
C LYS A 148 9.91 18.79 13.66
N ASP A 149 10.89 18.49 12.81
CA ASP A 149 12.10 17.78 13.21
C ASP A 149 11.87 16.40 13.83
N TYR A 150 11.49 15.44 12.99
CA TYR A 150 11.30 14.06 13.43
C TYR A 150 11.84 13.10 12.38
N PHE A 151 12.34 11.95 12.86
CA PHE A 151 12.72 10.86 11.97
C PHE A 151 12.52 9.55 12.74
N PRO A 152 12.05 8.50 12.06
CA PRO A 152 11.65 8.40 10.65
C PRO A 152 10.16 8.67 10.48
N GLU A 153 9.67 8.42 9.26
CA GLU A 153 8.24 8.36 9.03
C GLU A 153 7.74 6.99 9.48
N PRO A 154 6.42 6.86 9.70
CA PRO A 154 5.39 7.87 9.47
C PRO A 154 5.03 8.61 10.75
N VAL A 155 4.16 9.59 10.60
CA VAL A 155 3.56 10.27 11.73
C VAL A 155 2.05 10.14 11.54
N THR A 156 1.32 10.10 12.65
CA THR A 156 -0.14 10.14 12.59
C THR A 156 -0.65 11.33 13.39
N VAL A 157 -1.32 12.24 12.69
CA VAL A 157 -1.87 13.44 13.30
C VAL A 157 -3.39 13.38 13.20
N SER A 158 -4.05 13.62 14.33
CA SER A 158 -5.49 13.62 14.40
C SER A 158 -5.98 14.99 14.88
N TRP A 159 -7.29 15.18 14.84
CA TRP A 159 -7.91 16.41 15.33
C TRP A 159 -9.09 16.07 16.22
N ASN A 160 -8.96 16.39 17.51
CA ASN A 160 -9.96 16.04 18.50
C ASN A 160 -10.21 14.52 18.53
N SER A 161 -9.13 13.76 18.39
CA SER A 161 -9.17 12.30 18.51
C SER A 161 -10.12 11.65 17.50
N GLY A 162 -10.09 12.14 16.27
CA GLY A 162 -10.88 11.57 15.19
C GLY A 162 -12.24 12.22 15.02
N ALA A 163 -12.60 13.09 15.97
CA ALA A 163 -13.91 13.74 15.95
C ALA A 163 -14.00 14.80 14.85
N LEU A 164 -12.85 15.38 14.50
CA LEU A 164 -12.79 16.45 13.51
C LEU A 164 -12.21 15.94 12.20
N THR A 165 -13.08 15.64 11.24
CA THR A 165 -12.69 15.06 9.95
C THR A 165 -12.93 16.05 8.81
N SER A 166 -13.99 16.84 8.92
CA SER A 166 -14.37 17.76 7.86
C SER A 166 -13.38 18.92 7.72
N GLY A 167 -12.91 19.16 6.51
CA GLY A 167 -12.08 20.31 6.22
C GLY A 167 -10.61 20.15 6.58
N VAL A 168 -10.26 18.98 7.10
CA VAL A 168 -8.89 18.71 7.54
C VAL A 168 -7.95 18.50 6.35
N HIS A 169 -6.69 18.90 6.53
CA HIS A 169 -5.64 18.62 5.56
C HIS A 169 -4.31 18.34 6.28
N THR A 170 -3.88 17.08 6.25
CA THR A 170 -2.54 16.72 6.68
C THR A 170 -1.68 16.57 5.44
N PHE A 171 -0.58 17.33 5.38
CA PHE A 171 0.24 17.39 4.17
C PHE A 171 1.37 16.39 4.17
N PRO A 172 1.81 15.96 2.96
CA PRO A 172 2.99 15.09 2.82
C PRO A 172 4.22 15.70 3.48
N ALA A 173 4.75 15.02 4.49
CA ALA A 173 5.98 15.46 5.14
C ALA A 173 7.10 15.50 4.11
N VAL A 174 7.89 16.58 4.13
CA VAL A 174 9.04 16.70 3.25
C VAL A 174 10.33 16.51 4.05
N LEU A 175 11.38 16.08 3.36
CA LEU A 175 12.68 15.84 3.99
C LEU A 175 13.50 17.12 3.98
N GLN A 176 13.94 17.55 5.16
CA GLN A 176 14.73 18.76 5.31
C GLN A 176 16.20 18.48 5.03
N SER A 177 17.00 19.54 5.03
CA SER A 177 18.44 19.41 4.81
C SER A 177 19.14 18.85 6.03
N SER A 178 18.42 18.79 7.15
CA SER A 178 18.96 18.26 8.39
C SER A 178 18.75 16.75 8.51
N GLY A 179 18.21 16.15 7.46
CA GLY A 179 17.89 14.73 7.47
C GLY A 179 16.63 14.42 8.24
N LEU A 180 16.00 15.47 8.78
CA LEU A 180 14.79 15.32 9.60
C LEU A 180 13.56 15.71 8.80
N TYR A 181 12.46 14.98 9.04
CA TYR A 181 11.20 15.27 8.37
C TYR A 181 10.45 16.40 9.09
N SER A 182 9.60 17.10 8.34
CA SER A 182 8.71 18.10 8.92
C SER A 182 7.37 18.03 8.23
N LEU A 183 6.30 18.25 8.99
CA LEU A 183 4.94 18.08 8.50
C LEU A 183 4.01 19.06 9.18
N SER A 184 3.04 19.55 8.41
CA SER A 184 2.01 20.44 8.93
C SER A 184 0.64 19.85 8.65
N SER A 185 -0.25 19.94 9.64
CA SER A 185 -1.64 19.56 9.46
C SER A 185 -2.52 20.72 9.86
N VAL A 186 -3.49 21.04 9.01
CA VAL A 186 -4.38 22.17 9.22
C VAL A 186 -5.82 21.72 9.06
N VAL A 187 -6.75 22.65 9.27
CA VAL A 187 -8.17 22.36 9.10
C VAL A 187 -8.98 23.64 9.02
N THR A 188 -9.71 23.80 7.93
CA THR A 188 -10.57 24.98 7.75
C THR A 188 -11.81 24.82 8.63
N VAL A 189 -12.08 25.84 9.44
CA VAL A 189 -12.99 25.74 10.57
C VAL A 189 -13.80 27.02 10.71
N PRO A 190 -15.05 26.90 11.20
CA PRO A 190 -15.89 28.09 11.41
C PRO A 190 -15.22 29.18 12.22
N SER A 191 -15.29 30.42 11.72
CA SER A 191 -14.67 31.56 12.38
C SER A 191 -15.37 31.87 13.69
N SER A 192 -16.59 31.39 13.84
CA SER A 192 -17.39 31.67 15.03
C SER A 192 -16.80 30.96 16.25
N GLN A 197 -14.89 26.86 20.03
CA GLN A 197 -14.70 25.46 20.37
C GLN A 197 -13.25 25.21 20.76
N THR A 198 -12.97 23.99 21.22
CA THR A 198 -11.62 23.63 21.68
C THR A 198 -10.97 22.66 20.69
N TYR A 199 -9.95 23.15 20.00
CA TYR A 199 -9.27 22.38 18.97
C TYR A 199 -7.91 21.88 19.43
N ILE A 200 -7.64 20.60 19.17
CA ILE A 200 -6.43 19.94 19.65
C ILE A 200 -5.87 19.00 18.57
N CYS A 201 -4.57 19.13 18.29
CA CYS A 201 -3.91 18.21 17.38
C CYS A 201 -3.32 17.05 18.15
N ASN A 202 -3.68 15.83 17.74
CA ASN A 202 -3.20 14.62 18.40
C ASN A 202 -2.10 13.96 17.58
N VAL A 203 -0.86 14.16 17.99
CA VAL A 203 0.30 13.63 17.28
C VAL A 203 0.80 12.36 17.96
N ASN A 204 1.32 11.44 17.17
CA ASN A 204 1.92 10.22 17.70
C ASN A 204 3.03 9.72 16.79
N HIS A 205 4.24 9.63 17.34
CA HIS A 205 5.40 9.09 16.63
C HIS A 205 5.86 7.83 17.35
N LYS A 206 5.61 6.68 16.74
CA LYS A 206 5.83 5.39 17.39
C LYS A 206 7.29 5.06 17.69
N PRO A 207 8.21 5.33 16.75
CA PRO A 207 9.64 5.05 16.99
C PRO A 207 10.18 5.69 18.26
N SER A 208 10.03 7.01 18.40
CA SER A 208 10.44 7.70 19.61
C SER A 208 9.46 7.42 20.74
N ASN A 209 8.34 6.77 20.40
CA ASN A 209 7.30 6.47 21.37
C ASN A 209 6.84 7.72 22.11
N THR A 210 6.36 8.69 21.35
CA THR A 210 5.87 9.94 21.88
C THR A 210 4.47 10.25 21.38
N LYS A 211 3.56 10.54 22.30
CA LYS A 211 2.21 10.96 21.97
C LYS A 211 2.02 12.38 22.47
N VAL A 212 1.69 13.29 21.56
CA VAL A 212 1.49 14.70 21.89
C VAL A 212 0.07 15.13 21.57
N ASP A 213 -0.55 15.80 22.54
CA ASP A 213 -1.88 16.37 22.36
C ASP A 213 -1.78 17.86 22.71
N LYS A 214 -1.89 18.71 21.70
CA LYS A 214 -1.66 20.14 21.88
C LYS A 214 -2.83 21.00 21.41
N LYS A 215 -3.37 21.77 22.36
CA LYS A 215 -4.31 22.84 22.08
C LYS A 215 -3.78 23.76 20.99
N VAL A 216 -4.68 24.43 20.29
CA VAL A 216 -4.31 25.50 19.37
C VAL A 216 -5.18 26.72 19.67
N GLU A 217 -4.66 27.64 20.47
CA GLU A 217 -5.41 28.81 20.92
C GLU A 217 -5.07 30.03 20.06
N PRO A 218 -6.07 30.90 19.80
CA PRO A 218 -5.82 32.12 19.02
C PRO A 218 -4.73 33.01 19.62
N ASP B 1 11.40 -12.28 -15.08
CA ASP B 1 9.98 -12.61 -14.79
C ASP B 1 9.11 -12.29 -16.00
N ILE B 2 7.95 -11.67 -15.76
CA ILE B 2 7.08 -11.19 -16.83
C ILE B 2 6.69 -9.74 -16.60
N GLN B 3 6.79 -8.94 -17.65
CA GLN B 3 6.60 -7.49 -17.55
C GLN B 3 5.18 -7.09 -17.92
N MET B 4 4.61 -6.17 -17.12
CA MET B 4 3.31 -5.57 -17.42
C MET B 4 3.50 -4.07 -17.64
N THR B 5 2.74 -3.53 -18.57
CA THR B 5 3.01 -2.20 -19.11
C THR B 5 1.72 -1.43 -19.33
N GLN B 6 1.44 -0.48 -18.45
CA GLN B 6 0.22 0.31 -18.54
C GLN B 6 0.44 1.58 -19.37
N SER B 7 -0.48 1.88 -20.26
CA SER B 7 -0.43 3.10 -21.06
C SER B 7 -1.80 3.77 -21.06
N PRO B 8 -1.85 5.09 -20.80
CA PRO B 8 -0.73 5.97 -20.45
C PRO B 8 -0.27 5.74 -19.00
N SER B 9 0.77 6.44 -18.58
CA SER B 9 1.24 6.37 -17.20
C SER B 9 0.51 7.40 -16.34
N SER B 10 0.06 8.47 -16.99
CA SER B 10 -0.73 9.50 -16.33
C SER B 10 -1.84 9.94 -17.27
N LEU B 11 -2.96 10.41 -16.72
CA LEU B 11 -4.06 10.89 -17.54
C LEU B 11 -4.97 11.85 -16.78
N SER B 12 -5.54 12.80 -17.50
CA SER B 12 -6.49 13.76 -16.96
C SER B 12 -7.78 13.69 -17.77
N ALA B 13 -8.90 13.48 -17.09
CA ALA B 13 -10.20 13.36 -17.75
C ALA B 13 -11.28 13.98 -16.88
N SER B 14 -12.26 14.60 -17.53
CA SER B 14 -13.34 15.26 -16.81
C SER B 14 -14.36 14.24 -16.33
N VAL B 15 -15.29 14.69 -15.48
CA VAL B 15 -16.33 13.82 -14.94
C VAL B 15 -17.36 13.50 -16.00
N GLY B 16 -17.63 12.20 -16.19
CA GLY B 16 -18.69 11.74 -17.07
C GLY B 16 -18.22 11.10 -18.35
N ASP B 17 -16.93 11.24 -18.68
CA ASP B 17 -16.39 10.71 -19.92
C ASP B 17 -15.73 9.34 -19.71
N ARG B 18 -15.52 8.62 -20.81
CA ARG B 18 -14.99 7.27 -20.75
C ARG B 18 -13.48 7.24 -20.71
N VAL B 19 -12.92 6.71 -19.62
CA VAL B 19 -11.49 6.45 -19.53
C VAL B 19 -11.24 5.08 -20.12
N THR B 20 -10.01 4.82 -20.56
CA THR B 20 -9.66 3.54 -21.15
C THR B 20 -8.18 3.26 -20.92
N ILE B 21 -7.89 2.51 -19.86
CA ILE B 21 -6.51 2.24 -19.44
C ILE B 21 -6.02 0.90 -20.01
N THR B 22 -5.04 0.98 -20.92
CA THR B 22 -4.46 -0.21 -21.53
C THR B 22 -3.33 -0.77 -20.66
N CYS B 23 -3.17 -2.09 -20.71
CA CYS B 23 -2.06 -2.76 -20.02
C CYS B 23 -1.65 -4.00 -20.82
N ARG B 24 -0.44 -3.95 -21.39
CA ARG B 24 0.05 -5.06 -22.22
C ARG B 24 1.08 -5.91 -21.47
N ALA B 25 1.30 -7.12 -21.98
CA ALA B 25 2.18 -8.10 -21.31
C ALA B 25 3.29 -8.59 -22.23
N SER B 26 4.48 -8.75 -21.68
CA SER B 26 5.64 -9.17 -22.47
C SER B 26 5.49 -10.60 -22.96
N GLN B 27 4.73 -11.41 -22.22
CA GLN B 27 4.53 -12.81 -22.55
C GLN B 27 3.06 -13.10 -22.91
N ASP B 28 2.83 -14.03 -23.84
CA ASP B 28 1.49 -14.32 -24.32
C ASP B 28 0.72 -15.13 -23.26
N VAL B 29 0.23 -14.41 -22.25
CA VAL B 29 -0.68 -14.96 -21.23
C VAL B 29 -1.98 -15.34 -21.93
N SER B 30 -2.98 -15.78 -21.16
CA SER B 30 -4.36 -15.72 -21.63
C SER B 30 -5.32 -15.57 -20.45
N THR B 31 -5.87 -14.38 -20.33
CA THR B 31 -7.04 -14.10 -19.49
C THR B 31 -6.73 -13.96 -17.99
N ALA B 32 -5.55 -14.41 -17.56
CA ALA B 32 -5.20 -14.40 -16.14
C ALA B 32 -4.65 -13.02 -15.75
N VAL B 33 -5.53 -12.03 -15.56
CA VAL B 33 -5.08 -10.70 -15.15
C VAL B 33 -6.17 -9.98 -14.35
N ALA B 34 -5.74 -9.18 -13.38
CA ALA B 34 -6.66 -8.43 -12.52
C ALA B 34 -6.45 -6.93 -12.70
N TRP B 35 -7.28 -6.14 -12.02
CA TRP B 35 -7.14 -4.69 -11.98
C TRP B 35 -7.45 -4.17 -10.58
N TYR B 36 -6.59 -3.28 -10.07
CA TYR B 36 -6.76 -2.74 -8.73
C TYR B 36 -6.94 -1.22 -8.72
N GLN B 37 -7.20 -0.67 -7.54
CA GLN B 37 -7.39 0.78 -7.37
C GLN B 37 -6.77 1.25 -6.07
N GLN B 38 -5.50 1.63 -6.13
CA GLN B 38 -4.81 2.15 -4.96
C GLN B 38 -4.91 3.67 -4.93
N LYS B 39 -5.57 4.19 -3.89
CA LYS B 39 -5.65 5.62 -3.66
C LYS B 39 -4.78 5.98 -2.46
N PRO B 40 -4.22 7.21 -2.45
CA PRO B 40 -3.06 7.57 -1.61
C PRO B 40 -3.15 7.16 -0.13
N GLY B 41 -2.10 6.51 0.35
CA GLY B 41 -1.98 6.14 1.74
C GLY B 41 -2.69 4.85 2.10
N LYS B 42 -3.49 4.33 1.17
CA LYS B 42 -4.28 3.12 1.41
C LYS B 42 -3.85 1.98 0.48
N ALA B 43 -4.12 0.75 0.90
CA ALA B 43 -3.74 -0.43 0.13
C ALA B 43 -4.59 -0.54 -1.14
N PRO B 44 -4.08 -1.25 -2.15
CA PRO B 44 -4.87 -1.44 -3.38
C PRO B 44 -6.15 -2.22 -3.12
N LYS B 45 -7.22 -1.86 -3.82
CA LYS B 45 -8.47 -2.61 -3.75
C LYS B 45 -8.74 -3.29 -5.08
N LEU B 46 -9.20 -4.54 -5.03
CA LEU B 46 -9.47 -5.31 -6.23
C LEU B 46 -10.70 -4.77 -6.97
N LEU B 47 -10.65 -4.82 -8.30
CA LEU B 47 -11.77 -4.38 -9.13
C LEU B 47 -12.18 -5.51 -10.09
N ILE B 48 -11.22 -5.93 -10.91
CA ILE B 48 -11.44 -6.94 -11.93
C ILE B 48 -10.55 -8.13 -11.68
N TYR B 49 -11.06 -9.33 -11.96
CA TYR B 49 -10.25 -10.53 -11.94
C TYR B 49 -10.54 -11.35 -13.20
N SER B 50 -9.54 -12.09 -13.65
CA SER B 50 -9.64 -12.86 -14.89
C SER B 50 -10.11 -11.98 -16.05
N ALA B 51 -9.49 -10.81 -16.16
CA ALA B 51 -9.66 -9.92 -17.33
C ALA B 51 -11.04 -9.28 -17.47
N SER B 52 -12.09 -10.09 -17.50
CA SER B 52 -13.43 -9.62 -17.88
C SER B 52 -14.51 -9.84 -16.82
N PHE B 53 -14.11 -10.10 -15.59
CA PHE B 53 -15.07 -10.38 -14.51
C PHE B 53 -14.93 -9.39 -13.35
N LEU B 54 -16.06 -8.82 -12.97
CA LEU B 54 -16.09 -7.80 -11.92
C LEU B 54 -16.16 -8.44 -10.53
N TYR B 55 -15.40 -7.88 -9.59
CA TYR B 55 -15.39 -8.38 -8.22
C TYR B 55 -16.69 -7.97 -7.52
N SER B 56 -16.97 -8.59 -6.38
CA SER B 56 -18.19 -8.31 -5.64
C SER B 56 -18.21 -6.90 -5.06
N GLY B 57 -19.26 -6.16 -5.38
CA GLY B 57 -19.49 -4.85 -4.79
C GLY B 57 -18.77 -3.71 -5.49
N VAL B 58 -18.15 -4.00 -6.63
CA VAL B 58 -17.49 -2.96 -7.41
C VAL B 58 -18.55 -2.29 -8.29
N PRO B 59 -18.47 -0.96 -8.48
CA PRO B 59 -19.47 -0.28 -9.33
C PRO B 59 -19.51 -0.84 -10.74
N SER B 60 -20.67 -0.79 -11.37
CA SER B 60 -20.87 -1.34 -12.70
C SER B 60 -20.12 -0.54 -13.78
N ARG B 61 -19.72 0.67 -13.45
CA ARG B 61 -19.08 1.54 -14.44
C ARG B 61 -17.68 1.04 -14.82
N PHE B 62 -17.09 0.22 -13.96
CA PHE B 62 -15.78 -0.37 -14.25
C PHE B 62 -15.95 -1.64 -15.06
N SER B 63 -15.24 -1.72 -16.19
CA SER B 63 -15.34 -2.84 -17.11
C SER B 63 -13.98 -3.49 -17.35
N GLY B 64 -14.01 -4.70 -17.89
CA GLY B 64 -12.80 -5.43 -18.20
C GLY B 64 -12.92 -6.22 -19.48
N SER B 65 -11.84 -6.24 -20.26
CA SER B 65 -11.81 -6.98 -21.51
C SER B 65 -10.37 -7.21 -21.93
N GLY B 66 -10.15 -8.23 -22.77
CA GLY B 66 -8.84 -8.53 -23.30
C GLY B 66 -8.46 -9.99 -23.10
N SER B 67 -7.68 -10.51 -24.03
CA SER B 67 -7.20 -11.89 -23.98
C SER B 67 -5.83 -11.97 -24.61
N GLY B 68 -4.87 -12.53 -23.86
CA GLY B 68 -3.54 -12.75 -24.38
C GLY B 68 -2.52 -11.74 -23.88
N THR B 69 -2.14 -10.81 -24.75
CA THR B 69 -1.17 -9.78 -24.42
C THR B 69 -1.84 -8.47 -24.06
N ASP B 70 -2.95 -8.16 -24.71
CA ASP B 70 -3.59 -6.86 -24.63
C ASP B 70 -4.92 -6.88 -23.87
N PHE B 71 -5.00 -6.11 -22.80
CA PHE B 71 -6.26 -5.93 -22.05
C PHE B 71 -6.49 -4.45 -21.78
N THR B 72 -7.63 -4.12 -21.18
CA THR B 72 -7.92 -2.74 -20.82
C THR B 72 -9.04 -2.58 -19.79
N LEU B 73 -8.75 -1.81 -18.75
CA LEU B 73 -9.77 -1.40 -17.78
C LEU B 73 -10.49 -0.19 -18.34
N THR B 74 -11.81 -0.16 -18.23
CA THR B 74 -12.63 0.89 -18.82
C THR B 74 -13.68 1.43 -17.86
N ILE B 75 -13.55 2.70 -17.51
CA ILE B 75 -14.56 3.40 -16.72
C ILE B 75 -15.47 4.16 -17.68
N SER B 76 -16.78 3.95 -17.54
CA SER B 76 -17.75 4.53 -18.47
C SER B 76 -18.06 5.99 -18.14
N SER B 77 -18.18 6.28 -16.85
CA SER B 77 -18.52 7.62 -16.38
C SER B 77 -17.67 7.97 -15.16
N LEU B 78 -16.50 8.53 -15.41
CA LEU B 78 -15.55 8.87 -14.36
C LEU B 78 -16.20 9.75 -13.30
N GLN B 79 -15.66 9.72 -12.09
CA GLN B 79 -16.26 10.43 -10.97
C GLN B 79 -15.18 10.76 -9.93
N PRO B 80 -15.27 11.92 -9.26
CA PRO B 80 -14.24 12.37 -8.30
C PRO B 80 -13.61 11.29 -7.42
N GLU B 81 -14.41 10.38 -6.87
CA GLU B 81 -13.90 9.33 -5.99
C GLU B 81 -13.12 8.26 -6.76
N ASP B 82 -13.13 8.34 -8.09
CA ASP B 82 -12.35 7.42 -8.91
C ASP B 82 -10.90 7.90 -9.06
N PHE B 83 -10.57 9.03 -8.43
CA PHE B 83 -9.19 9.49 -8.40
C PHE B 83 -8.34 8.46 -7.67
N ALA B 84 -7.40 7.86 -8.38
CA ALA B 84 -6.51 6.87 -7.81
C ALA B 84 -5.42 6.49 -8.81
N THR B 85 -4.55 5.59 -8.39
CA THR B 85 -3.58 4.97 -9.29
C THR B 85 -4.03 3.54 -9.53
N TYR B 86 -4.31 3.22 -10.79
CA TYR B 86 -4.78 1.89 -11.16
C TYR B 86 -3.63 1.00 -11.61
N TYR B 87 -3.73 -0.29 -11.30
CA TYR B 87 -2.69 -1.27 -11.61
C TYR B 87 -3.28 -2.46 -12.35
N CYS B 88 -2.47 -3.11 -13.18
CA CYS B 88 -2.81 -4.42 -13.73
C CYS B 88 -1.88 -5.44 -13.08
N GLN B 89 -2.18 -6.73 -13.23
CA GLN B 89 -1.47 -7.79 -12.54
C GLN B 89 -1.75 -9.15 -13.14
N GLN B 90 -0.72 -9.84 -13.63
CA GLN B 90 -0.88 -11.19 -14.16
C GLN B 90 -0.56 -12.21 -13.08
N TYR B 91 -1.32 -13.30 -13.02
CA TYR B 91 -1.18 -14.27 -11.93
C TYR B 91 -1.24 -15.74 -12.35
N LEU B 92 -0.87 -16.05 -13.60
CA LEU B 92 -0.75 -17.45 -14.02
C LEU B 92 0.71 -17.88 -14.05
N TYR B 93 1.59 -16.97 -14.46
CA TYR B 93 3.02 -17.19 -14.31
C TYR B 93 3.47 -16.57 -12.99
N HIS B 94 4.35 -17.25 -12.28
CA HIS B 94 4.81 -16.77 -10.99
C HIS B 94 6.35 -16.71 -10.97
N PRO B 95 6.93 -15.63 -10.40
CA PRO B 95 6.38 -14.53 -9.58
C PRO B 95 5.29 -13.70 -10.24
N ALA B 96 4.26 -13.37 -9.46
CA ALA B 96 3.17 -12.51 -9.93
C ALA B 96 3.70 -11.08 -10.07
N THR B 97 3.44 -10.47 -11.22
CA THR B 97 4.03 -9.16 -11.54
C THR B 97 2.96 -8.11 -11.80
N PHE B 98 3.27 -6.87 -11.42
CA PHE B 98 2.36 -5.75 -11.57
C PHE B 98 2.83 -4.81 -12.67
N GLY B 99 1.98 -3.86 -13.03
CA GLY B 99 2.37 -2.78 -13.93
C GLY B 99 3.08 -1.72 -13.12
N GLN B 100 3.22 -0.52 -13.70
CA GLN B 100 3.92 0.58 -13.05
C GLN B 100 2.95 1.56 -12.41
N GLY B 101 1.70 1.55 -12.89
CA GLY B 101 0.67 2.42 -12.39
C GLY B 101 0.04 3.26 -13.49
N THR B 102 -1.07 3.92 -13.16
CA THR B 102 -1.75 4.82 -14.09
C THR B 102 -2.55 5.85 -13.29
N LYS B 103 -1.87 6.89 -12.83
CA LYS B 103 -2.52 7.92 -12.01
C LYS B 103 -3.61 8.63 -12.82
N VAL B 104 -4.81 8.69 -12.26
CA VAL B 104 -5.92 9.39 -12.88
C VAL B 104 -6.28 10.62 -12.05
N GLU B 105 -5.95 11.79 -12.60
CA GLU B 105 -6.37 13.06 -12.05
C GLU B 105 -7.70 13.44 -12.68
N ILE B 106 -8.59 14.04 -11.88
CA ILE B 106 -9.87 14.50 -12.39
C ILE B 106 -9.72 15.90 -12.96
N LYS B 107 -10.30 16.13 -14.14
CA LYS B 107 -10.26 17.44 -14.76
C LYS B 107 -11.49 18.24 -14.40
N ARG B 108 -11.31 19.25 -13.56
CA ARG B 108 -12.41 20.10 -13.10
C ARG B 108 -12.22 21.53 -13.59
N THR B 109 -13.04 22.44 -13.08
CA THR B 109 -12.90 23.86 -13.41
C THR B 109 -11.71 24.43 -12.66
N VAL B 110 -11.32 25.64 -13.03
CA VAL B 110 -10.23 26.34 -12.35
C VAL B 110 -10.79 26.96 -11.07
N ALA B 111 -10.08 26.76 -9.96
CA ALA B 111 -10.47 27.31 -8.68
C ALA B 111 -9.27 27.98 -8.00
N ALA B 112 -9.42 29.25 -7.69
CA ALA B 112 -8.34 30.03 -7.08
C ALA B 112 -8.06 29.53 -5.67
N PRO B 113 -6.84 29.79 -5.15
CA PRO B 113 -6.46 29.34 -3.81
C PRO B 113 -6.76 30.36 -2.74
N SER B 114 -7.44 29.95 -1.68
CA SER B 114 -7.59 30.79 -0.50
C SER B 114 -6.26 30.75 0.24
N VAL B 115 -5.66 31.91 0.44
CA VAL B 115 -4.33 31.99 1.03
C VAL B 115 -4.39 32.49 2.48
N PHE B 116 -3.87 31.67 3.39
CA PHE B 116 -3.73 32.05 4.80
C PHE B 116 -2.25 32.00 5.16
N ILE B 117 -1.89 32.60 6.30
CA ILE B 117 -0.55 32.44 6.84
C ILE B 117 -0.55 32.39 8.37
N PHE B 118 0.53 31.86 8.93
CA PHE B 118 0.65 31.72 10.38
C PHE B 118 2.06 32.15 10.80
N PRO B 119 2.16 33.02 11.80
CA PRO B 119 3.49 33.37 12.31
C PRO B 119 4.04 32.28 13.24
N PRO B 120 5.35 32.31 13.53
CA PRO B 120 5.95 31.36 14.48
C PRO B 120 5.46 31.57 15.91
N SER B 121 5.58 30.55 16.75
CA SER B 121 5.09 30.59 18.13
C SER B 121 6.23 30.86 19.10
N ASP B 122 5.93 31.51 20.22
CA ASP B 122 6.94 31.83 21.22
C ASP B 122 7.45 30.55 21.87
N GLU B 123 6.69 29.46 21.73
CA GLU B 123 7.14 28.16 22.16
C GLU B 123 8.35 27.78 21.33
N GLN B 124 8.21 27.95 20.02
CA GLN B 124 9.28 27.67 19.07
C GLN B 124 10.40 28.70 19.16
N LEU B 125 10.07 29.88 19.67
CA LEU B 125 11.06 30.97 19.81
C LEU B 125 11.84 30.86 21.12
N LYS B 126 11.53 29.86 21.94
CA LYS B 126 12.36 29.54 23.08
C LYS B 126 13.40 28.51 22.63
N SER B 127 13.09 27.79 21.57
CA SER B 127 13.94 26.73 21.04
C SER B 127 15.08 27.28 20.20
N GLY B 128 14.86 28.46 19.62
CA GLY B 128 15.89 29.15 18.85
C GLY B 128 15.70 29.06 17.34
N THR B 129 14.46 28.84 16.91
CA THR B 129 14.12 28.82 15.50
C THR B 129 12.77 29.48 15.25
N ALA B 130 12.55 29.94 14.02
CA ALA B 130 11.30 30.58 13.64
C ALA B 130 10.79 29.99 12.33
N SER B 131 9.70 29.23 12.44
CA SER B 131 9.07 28.63 11.27
C SER B 131 7.81 29.41 10.93
N VAL B 132 7.66 29.77 9.66
CA VAL B 132 6.49 30.49 9.19
C VAL B 132 5.83 29.70 8.08
N VAL B 133 4.53 29.47 8.19
CA VAL B 133 3.79 28.62 7.25
C VAL B 133 2.79 29.42 6.42
N CYS B 134 2.74 29.10 5.12
CA CYS B 134 1.76 29.67 4.22
C CYS B 134 0.90 28.56 3.64
N LEU B 135 -0.42 28.72 3.71
CA LEU B 135 -1.36 27.69 3.28
C LEU B 135 -2.15 28.13 2.06
N LEU B 136 -2.01 27.39 0.97
CA LEU B 136 -2.86 27.56 -0.20
C LEU B 136 -3.94 26.48 -0.15
N ASN B 137 -5.20 26.88 -0.03
CA ASN B 137 -6.28 25.95 0.27
C ASN B 137 -7.30 25.78 -0.84
N ASN B 138 -7.57 24.53 -1.21
CA ASN B 138 -8.62 24.18 -2.16
C ASN B 138 -8.53 24.95 -3.47
N PHE B 139 -7.60 24.55 -4.33
CA PHE B 139 -7.40 25.20 -5.63
C PHE B 139 -7.18 24.19 -6.73
N TYR B 140 -7.31 24.65 -7.97
CA TYR B 140 -7.08 23.84 -9.15
C TYR B 140 -6.78 24.80 -10.30
N PRO B 141 -5.86 24.44 -11.21
CA PRO B 141 -5.01 23.24 -11.30
C PRO B 141 -3.96 23.12 -10.19
N ARG B 142 -3.16 22.07 -10.28
CA ARG B 142 -2.16 21.75 -9.26
C ARG B 142 -1.01 22.76 -9.24
N GLU B 143 -0.58 23.18 -10.43
CA GLU B 143 0.58 24.06 -10.54
C GLU B 143 0.33 25.43 -9.93
N ALA B 144 1.20 25.83 -9.00
CA ALA B 144 1.11 27.13 -8.35
C ALA B 144 2.48 27.55 -7.82
N LYS B 145 2.77 28.85 -7.90
CA LYS B 145 4.06 29.39 -7.48
C LYS B 145 3.92 30.20 -6.20
N VAL B 146 4.83 29.97 -5.26
CA VAL B 146 4.85 30.71 -4.00
C VAL B 146 6.24 31.30 -3.78
N GLN B 147 6.28 32.53 -3.28
CA GLN B 147 7.52 33.20 -2.92
C GLN B 147 7.45 33.73 -1.50
N TRP B 148 8.59 33.76 -0.83
CA TRP B 148 8.71 34.31 0.52
C TRP B 148 9.52 35.58 0.49
N LYS B 149 8.99 36.63 1.11
CA LYS B 149 9.67 37.92 1.17
C LYS B 149 9.77 38.40 2.61
N VAL B 150 11.01 38.65 3.04
CA VAL B 150 11.28 39.19 4.37
C VAL B 150 11.81 40.61 4.21
N ASP B 151 11.07 41.58 4.76
CA ASP B 151 11.38 42.99 4.51
C ASP B 151 11.45 43.23 3.02
N ASN B 152 10.52 42.62 2.29
CA ASN B 152 10.42 42.77 0.84
C ASN B 152 11.61 42.15 0.09
N ALA B 153 12.46 41.42 0.82
CA ALA B 153 13.61 40.76 0.21
C ALA B 153 13.25 39.31 -0.09
N LEU B 154 13.41 38.92 -1.35
CA LEU B 154 13.17 37.55 -1.77
C LEU B 154 14.02 36.57 -0.98
N GLN B 155 13.38 35.58 -0.38
CA GLN B 155 14.08 34.54 0.37
C GLN B 155 14.30 33.32 -0.53
N SER B 156 15.38 32.59 -0.25
CA SER B 156 15.71 31.40 -1.00
C SER B 156 16.53 30.45 -0.15
N GLY B 157 16.42 29.15 -0.44
CA GLY B 157 17.19 28.13 0.25
C GLY B 157 16.81 27.93 1.70
N ASN B 158 15.58 28.30 2.05
CA ASN B 158 15.07 28.09 3.41
C ASN B 158 13.55 27.95 3.43
N SER B 159 13.03 27.20 2.48
CA SER B 159 11.59 26.95 2.37
C SER B 159 11.33 25.60 1.71
N GLN B 160 10.27 24.93 2.15
CA GLN B 160 9.89 23.63 1.58
C GLN B 160 8.39 23.57 1.35
N GLU B 161 8.00 23.10 0.16
CA GLU B 161 6.59 22.95 -0.18
C GLU B 161 6.15 21.50 -0.07
N SER B 162 4.84 21.32 0.10
CA SER B 162 4.22 20.00 0.01
C SER B 162 2.78 20.22 -0.40
N VAL B 163 2.32 19.44 -1.36
CA VAL B 163 0.95 19.56 -1.87
C VAL B 163 0.20 18.24 -1.68
N THR B 164 -1.06 18.33 -1.28
CA THR B 164 -1.87 17.16 -0.96
C THR B 164 -2.24 16.38 -2.21
N GLU B 165 -3.06 15.35 -2.02
CA GLU B 165 -3.58 14.55 -3.12
C GLU B 165 -4.97 15.06 -3.47
N GLN B 166 -5.34 14.94 -4.74
CA GLN B 166 -6.63 15.44 -5.22
C GLN B 166 -7.78 14.98 -4.34
N ASP B 167 -8.58 15.94 -3.88
CA ASP B 167 -9.69 15.65 -2.99
C ASP B 167 -10.66 14.70 -3.67
N SER B 168 -11.10 13.68 -2.92
CA SER B 168 -11.97 12.64 -3.47
C SER B 168 -13.39 13.15 -3.71
N LYS B 169 -13.69 14.36 -3.26
CA LYS B 169 -15.01 14.96 -3.44
C LYS B 169 -14.97 16.25 -4.26
N ASP B 170 -14.20 17.24 -3.82
CA ASP B 170 -14.16 18.53 -4.53
C ASP B 170 -13.12 18.58 -5.66
N SER B 171 -12.22 17.60 -5.68
CA SER B 171 -11.23 17.47 -6.75
C SER B 171 -10.17 18.58 -6.75
N THR B 172 -10.12 19.37 -5.68
CA THR B 172 -9.13 20.44 -5.56
C THR B 172 -7.89 19.96 -4.84
N TYR B 173 -6.93 20.87 -4.65
CA TYR B 173 -5.67 20.56 -3.97
C TYR B 173 -5.44 21.51 -2.80
N SER B 174 -4.29 21.38 -2.16
CA SER B 174 -3.89 22.28 -1.08
C SER B 174 -2.40 22.16 -0.86
N LEU B 175 -1.76 23.30 -0.56
CA LEU B 175 -0.30 23.36 -0.42
C LEU B 175 0.09 24.05 0.87
N SER B 176 1.25 23.68 1.41
CA SER B 176 1.77 24.28 2.64
C SER B 176 3.27 24.52 2.58
N SER B 177 3.67 25.72 2.17
CA SER B 177 5.05 26.14 2.24
C SER B 177 5.37 26.52 3.69
N THR B 178 6.60 26.29 4.12
CA THR B 178 7.01 26.69 5.46
C THR B 178 8.44 27.24 5.50
N LEU B 179 8.54 28.53 5.76
CA LEU B 179 9.83 29.23 5.82
C LEU B 179 10.45 29.12 7.20
N THR B 180 11.68 28.64 7.27
CA THR B 180 12.37 28.46 8.55
C THR B 180 13.56 29.40 8.66
N LEU B 181 13.62 30.14 9.77
CA LEU B 181 14.71 31.07 10.04
C LEU B 181 15.19 30.91 11.47
N SER B 182 16.42 31.34 11.73
CA SER B 182 16.94 31.39 13.09
C SER B 182 16.19 32.46 13.86
N LYS B 183 16.10 32.29 15.16
CA LYS B 183 15.45 33.29 16.01
C LYS B 183 16.21 34.60 15.89
N ALA B 184 17.53 34.51 15.95
CA ALA B 184 18.38 35.70 15.91
C ALA B 184 18.47 36.31 14.51
N ASP B 185 17.77 35.71 13.56
CA ASP B 185 17.63 36.30 12.22
C ASP B 185 16.18 36.69 11.97
N TYR B 186 15.27 36.02 12.66
CA TYR B 186 13.85 36.36 12.56
C TYR B 186 13.55 37.65 13.30
N GLU B 187 14.39 37.98 14.27
CA GLU B 187 14.09 39.05 15.22
C GLU B 187 14.67 40.41 14.82
N LYS B 188 15.39 40.46 13.70
CA LYS B 188 15.92 41.73 13.19
C LYS B 188 15.10 42.23 11.99
N HIS B 189 14.46 41.31 11.27
CA HIS B 189 13.52 41.67 10.23
C HIS B 189 12.13 41.79 10.84
N LYS B 190 11.26 42.58 10.20
CA LYS B 190 9.94 42.88 10.76
C LYS B 190 8.81 42.30 9.89
N VAL B 191 8.92 42.49 8.58
CA VAL B 191 7.86 42.08 7.66
C VAL B 191 8.05 40.66 7.16
N TYR B 192 6.95 39.93 7.00
CA TYR B 192 6.97 38.58 6.45
C TYR B 192 5.72 38.36 5.62
N ALA B 193 5.91 37.84 4.41
CA ALA B 193 4.81 37.71 3.45
C ALA B 193 4.83 36.36 2.74
N CYS B 194 3.73 36.08 2.04
CA CYS B 194 3.64 34.90 1.18
C CYS B 194 3.09 35.33 -0.17
N GLU B 195 3.99 35.61 -1.11
CA GLU B 195 3.60 36.05 -2.44
C GLU B 195 3.18 34.83 -3.24
N VAL B 196 1.91 34.80 -3.66
CA VAL B 196 1.32 33.63 -4.29
C VAL B 196 0.92 33.97 -5.71
N THR B 197 1.05 33.00 -6.62
CA THR B 197 0.61 33.17 -8.00
C THR B 197 -0.04 31.88 -8.50
N HIS B 198 -1.09 32.01 -9.29
CA HIS B 198 -1.82 30.86 -9.77
C HIS B 198 -2.72 31.23 -10.95
N GLN B 199 -3.03 30.23 -11.78
CA GLN B 199 -3.84 30.43 -12.97
C GLN B 199 -5.20 31.07 -12.67
N GLY B 200 -5.71 30.83 -11.46
CA GLY B 200 -7.01 31.32 -11.05
C GLY B 200 -6.96 32.76 -10.59
N LEU B 201 -5.81 33.18 -10.07
CA LEU B 201 -5.63 34.54 -9.60
C LEU B 201 -5.24 35.47 -10.74
N SER B 202 -5.92 36.61 -10.83
CA SER B 202 -5.63 37.60 -11.86
C SER B 202 -4.28 38.26 -11.60
N SER B 203 -4.08 38.68 -10.35
CA SER B 203 -2.81 39.25 -9.91
C SER B 203 -2.34 38.50 -8.66
N PRO B 204 -1.02 38.37 -8.48
CA PRO B 204 -0.48 37.63 -7.32
C PRO B 204 -1.00 38.13 -5.98
N VAL B 205 -1.53 37.22 -5.17
CA VAL B 205 -1.97 37.53 -3.81
C VAL B 205 -0.77 37.52 -2.88
N THR B 206 -0.77 38.41 -1.89
CA THR B 206 0.31 38.49 -0.93
C THR B 206 -0.23 38.72 0.48
N LYS B 207 -0.29 37.65 1.27
CA LYS B 207 -0.71 37.75 2.66
C LYS B 207 0.52 37.97 3.54
N SER B 208 0.49 39.04 4.33
CA SER B 208 1.65 39.48 5.10
C SER B 208 1.36 39.50 6.59
N PHE B 209 2.40 39.75 7.39
CA PHE B 209 2.21 40.05 8.81
C PHE B 209 3.45 40.75 9.36
N ASN B 210 3.19 41.72 10.24
CA ASN B 210 4.25 42.40 10.99
C ASN B 210 4.13 41.99 12.44
N ARG B 211 5.27 41.98 13.14
CA ARG B 211 5.27 41.57 14.54
C ARG B 211 4.57 42.60 15.41
N ALA C 1 -15.46 -20.48 -12.27
CA ALA C 1 -14.09 -20.33 -11.78
C ALA C 1 -13.31 -21.63 -11.95
N PHE C 2 -12.02 -21.55 -11.62
CA PHE C 2 -11.12 -22.70 -11.71
C PHE C 2 -11.27 -23.54 -10.45
N THR C 3 -11.72 -24.78 -10.60
CA THR C 3 -11.99 -25.65 -9.45
C THR C 3 -11.32 -27.02 -9.53
N VAL C 4 -10.97 -27.56 -8.37
CA VAL C 4 -10.31 -28.86 -8.28
C VAL C 4 -11.34 -29.97 -8.09
N THR C 5 -11.12 -31.08 -8.79
CA THR C 5 -11.99 -32.25 -8.69
C THR C 5 -11.21 -33.42 -8.10
N VAL C 6 -11.82 -34.09 -7.13
CA VAL C 6 -11.25 -35.30 -6.55
C VAL C 6 -12.14 -36.50 -6.87
N PRO C 7 -11.52 -37.65 -7.20
CA PRO C 7 -12.32 -38.85 -7.44
C PRO C 7 -12.89 -39.40 -6.13
N LYS C 8 -12.14 -39.20 -5.05
CA LYS C 8 -12.62 -39.53 -3.71
C LYS C 8 -11.79 -38.77 -2.67
N ASP C 9 -12.29 -38.76 -1.43
CA ASP C 9 -11.69 -37.92 -0.37
C ASP C 9 -11.12 -38.75 0.78
N LEU C 10 -11.41 -40.04 0.79
CA LEU C 10 -10.91 -40.93 1.85
C LEU C 10 -10.18 -42.14 1.25
N TYR C 11 -8.89 -42.25 1.56
CA TYR C 11 -8.10 -43.39 1.16
C TYR C 11 -7.84 -44.28 2.37
N VAL C 12 -8.03 -45.58 2.19
CA VAL C 12 -7.66 -46.58 3.18
C VAL C 12 -6.60 -47.48 2.57
N VAL C 13 -5.37 -47.35 3.06
CA VAL C 13 -4.21 -47.99 2.45
C VAL C 13 -3.45 -48.86 3.44
N GLU C 14 -3.07 -50.05 2.96
CA GLU C 14 -2.38 -51.02 3.80
C GLU C 14 -0.98 -50.53 4.17
N TYR C 15 -0.54 -50.89 5.37
CA TYR C 15 0.81 -50.58 5.81
C TYR C 15 1.82 -51.31 4.92
N GLY C 16 2.87 -50.59 4.50
CA GLY C 16 3.91 -51.18 3.68
C GLY C 16 3.60 -51.15 2.20
N SER C 17 2.35 -50.85 1.86
CA SER C 17 1.94 -50.79 0.46
C SER C 17 2.27 -49.43 -0.14
N ASN C 18 1.77 -49.18 -1.34
CA ASN C 18 1.89 -47.89 -1.98
C ASN C 18 0.53 -47.22 -2.08
N MET C 19 0.52 -45.90 -2.26
CA MET C 19 -0.73 -45.18 -2.48
C MET C 19 -0.53 -43.99 -3.41
N THR C 20 -1.54 -43.77 -4.26
CA THR C 20 -1.54 -42.66 -5.21
C THR C 20 -2.78 -41.81 -4.98
N ILE C 21 -2.58 -40.61 -4.44
CA ILE C 21 -3.66 -39.67 -4.21
C ILE C 21 -3.79 -38.77 -5.44
N GLU C 22 -5.02 -38.35 -5.74
CA GLU C 22 -5.29 -37.62 -6.98
C GLU C 22 -6.08 -36.33 -6.78
N CYS C 23 -5.64 -35.29 -7.48
CA CYS C 23 -6.36 -34.01 -7.56
C CYS C 23 -6.43 -33.58 -9.01
N LYS C 24 -7.59 -33.82 -9.63
CA LYS C 24 -7.78 -33.53 -11.05
C LYS C 24 -8.06 -32.04 -11.26
N PHE C 25 -7.84 -31.57 -12.48
CA PHE C 25 -8.12 -30.18 -12.85
C PHE C 25 -8.17 -30.00 -14.36
N PRO C 26 -8.81 -28.91 -14.82
CA PRO C 26 -8.97 -28.71 -16.26
C PRO C 26 -7.70 -28.18 -16.93
N VAL C 27 -7.49 -28.59 -18.18
CA VAL C 27 -6.33 -28.14 -18.96
C VAL C 27 -6.74 -27.85 -20.39
N ASP C 32 0.78 -25.10 -20.16
CA ASP C 32 2.12 -24.63 -19.81
C ASP C 32 2.51 -25.09 -18.40
N LEU C 33 3.47 -26.00 -18.33
CA LEU C 33 3.95 -26.54 -17.07
C LEU C 33 4.65 -25.46 -16.24
N ALA C 34 5.31 -24.53 -16.93
CA ALA C 34 6.03 -23.46 -16.25
C ALA C 34 5.09 -22.65 -15.37
N ALA C 35 3.86 -22.47 -15.83
CA ALA C 35 2.87 -21.64 -15.14
C ALA C 35 2.19 -22.41 -14.01
N LEU C 36 2.14 -23.72 -14.15
CA LEU C 36 1.41 -24.57 -13.21
C LEU C 36 2.14 -24.74 -11.88
N ILE C 37 1.40 -24.54 -10.79
CA ILE C 37 1.89 -24.87 -9.45
C ILE C 37 1.07 -26.03 -8.91
N VAL C 38 1.73 -26.95 -8.23
CA VAL C 38 1.04 -28.00 -7.49
C VAL C 38 1.69 -28.13 -6.12
N TYR C 39 0.85 -28.33 -5.10
CA TYR C 39 1.32 -28.46 -3.73
C TYR C 39 0.62 -29.62 -3.04
N TRP C 40 1.37 -30.33 -2.21
CA TRP C 40 0.81 -31.33 -1.32
C TRP C 40 1.36 -31.08 0.07
N GLU C 41 0.50 -31.19 1.08
CA GLU C 41 0.88 -30.80 2.44
C GLU C 41 0.25 -31.69 3.51
N MET C 42 0.76 -31.54 4.72
CA MET C 42 0.13 -32.08 5.92
C MET C 42 0.21 -30.99 6.99
N GLU C 43 -0.45 -31.21 8.11
CA GLU C 43 -0.53 -30.18 9.14
C GLU C 43 0.87 -29.77 9.61
N ASP C 44 1.29 -28.57 9.22
CA ASP C 44 2.59 -28.02 9.58
C ASP C 44 3.75 -28.87 9.07
N LYS C 45 3.58 -29.40 7.85
CA LYS C 45 4.64 -30.16 7.19
C LYS C 45 4.38 -30.19 5.69
N ASN C 46 5.46 -30.05 4.91
CA ASN C 46 5.37 -30.03 3.45
C ASN C 46 5.96 -31.28 2.81
N ILE C 47 5.18 -31.91 1.94
CA ILE C 47 5.62 -33.10 1.23
C ILE C 47 6.24 -32.72 -0.11
N ILE C 48 5.57 -31.81 -0.81
CA ILE C 48 5.96 -31.44 -2.17
C ILE C 48 5.89 -29.93 -2.40
N GLN C 49 6.79 -29.45 -3.25
CA GLN C 49 6.92 -28.04 -3.56
C GLN C 49 7.29 -27.90 -5.03
N PHE C 50 6.30 -27.57 -5.85
CA PHE C 50 6.42 -27.66 -7.30
C PHE C 50 6.01 -26.34 -7.96
N VAL C 51 6.99 -25.53 -8.33
CA VAL C 51 6.73 -24.19 -8.87
C VAL C 51 7.29 -24.02 -10.29
N HIS C 52 8.56 -24.39 -10.48
CA HIS C 52 9.25 -24.17 -11.76
C HIS C 52 9.58 -25.48 -12.50
N GLY C 53 8.61 -26.40 -12.52
CA GLY C 53 8.72 -27.59 -13.34
C GLY C 53 9.63 -28.67 -12.76
N GLU C 54 9.93 -28.58 -11.47
CA GLU C 54 10.72 -29.61 -10.80
C GLU C 54 10.43 -29.63 -9.29
N ARG C 67 10.75 -40.62 -0.09
CA ARG C 67 9.83 -41.72 -0.35
C ARG C 67 8.52 -41.22 -0.96
N ALA C 68 8.48 -39.95 -1.34
CA ALA C 68 7.27 -39.35 -1.91
C ALA C 68 7.64 -38.47 -3.11
N ARG C 69 6.95 -38.68 -4.22
CA ARG C 69 7.20 -37.92 -5.45
C ARG C 69 5.89 -37.63 -6.19
N LEU C 70 6.01 -37.01 -7.36
CA LEU C 70 4.87 -36.69 -8.22
C LEU C 70 4.91 -37.48 -9.51
N LEU C 71 3.79 -37.47 -10.23
CA LEU C 71 3.73 -38.04 -11.57
C LEU C 71 3.60 -36.92 -12.59
N LYS C 72 4.73 -36.49 -13.13
CA LYS C 72 4.76 -35.41 -14.10
C LYS C 72 4.04 -35.80 -15.38
N ASP C 73 3.79 -37.10 -15.55
CA ASP C 73 3.12 -37.61 -16.73
C ASP C 73 1.66 -37.22 -16.74
N GLN C 74 1.02 -37.31 -15.57
CA GLN C 74 -0.40 -37.05 -15.43
C GLN C 74 -0.73 -35.57 -15.60
N LEU C 75 0.24 -34.70 -15.35
CA LEU C 75 0.02 -33.26 -15.38
C LEU C 75 -0.47 -32.78 -16.76
N SER C 76 -0.09 -33.52 -17.80
CA SER C 76 -0.55 -33.20 -19.15
C SER C 76 -2.05 -33.51 -19.28
N LEU C 77 -2.56 -34.38 -18.42
CA LEU C 77 -3.94 -34.83 -18.46
C LEU C 77 -4.78 -34.16 -17.39
N GLY C 78 -4.27 -33.07 -16.83
CA GLY C 78 -4.98 -32.34 -15.80
C GLY C 78 -5.21 -33.15 -14.55
N ASN C 79 -4.14 -33.79 -14.08
CA ASN C 79 -4.21 -34.65 -12.90
C ASN C 79 -2.93 -34.57 -12.07
N ALA C 80 -3.08 -34.23 -10.79
CA ALA C 80 -1.96 -34.20 -9.85
C ALA C 80 -1.94 -35.49 -9.03
N ALA C 81 -1.00 -36.37 -9.33
CA ALA C 81 -0.93 -37.68 -8.69
C ALA C 81 0.19 -37.74 -7.65
N LEU C 82 -0.20 -37.79 -6.38
CA LEU C 82 0.76 -37.93 -5.28
C LEU C 82 1.03 -39.40 -4.99
N GLN C 83 2.17 -39.90 -5.45
CA GLN C 83 2.54 -41.30 -5.25
C GLN C 83 3.48 -41.45 -4.06
N ILE C 84 3.01 -42.13 -3.02
CA ILE C 84 3.84 -42.43 -1.85
C ILE C 84 4.17 -43.92 -1.85
N THR C 85 5.36 -44.25 -1.34
CA THR C 85 5.81 -45.64 -1.27
C THR C 85 6.22 -46.01 0.14
N ASP C 86 6.04 -47.29 0.49
CA ASP C 86 6.28 -47.77 1.84
C ASP C 86 5.54 -46.90 2.85
N VAL C 87 4.22 -47.02 2.86
CA VAL C 87 3.39 -46.23 3.75
C VAL C 87 3.71 -46.53 5.22
N LYS C 88 3.65 -45.51 6.04
CA LYS C 88 4.02 -45.59 7.45
C LYS C 88 2.90 -44.96 8.28
N LEU C 89 2.76 -45.40 9.53
CA LEU C 89 1.65 -44.95 10.39
C LEU C 89 1.53 -43.43 10.47
N GLN C 90 2.64 -42.73 10.28
CA GLN C 90 2.66 -41.28 10.38
C GLN C 90 2.33 -40.61 9.03
N ASP C 91 2.13 -41.43 7.99
CA ASP C 91 1.58 -40.93 6.74
C ASP C 91 0.06 -40.79 6.90
N ALA C 92 -0.47 -41.33 7.99
CA ALA C 92 -1.88 -41.18 8.31
C ALA C 92 -2.16 -39.73 8.66
N GLY C 93 -3.20 -39.17 8.05
CA GLY C 93 -3.60 -37.80 8.32
C GLY C 93 -4.27 -37.15 7.15
N VAL C 94 -4.60 -35.86 7.30
CA VAL C 94 -5.29 -35.11 6.26
C VAL C 94 -4.28 -34.45 5.33
N TYR C 95 -4.38 -34.76 4.04
CA TYR C 95 -3.55 -34.14 3.02
C TYR C 95 -4.36 -33.04 2.35
N ARG C 96 -3.68 -32.03 1.81
CA ARG C 96 -4.34 -30.92 1.14
C ARG C 96 -3.60 -30.56 -0.13
N CYS C 97 -4.32 -30.60 -1.26
CA CYS C 97 -3.74 -30.24 -2.54
C CYS C 97 -4.12 -28.80 -2.89
N MET C 98 -3.18 -28.09 -3.51
CA MET C 98 -3.46 -26.76 -4.03
C MET C 98 -2.80 -26.61 -5.39
N ILE C 99 -3.60 -26.22 -6.38
CA ILE C 99 -3.13 -26.15 -7.76
C ILE C 99 -3.66 -24.88 -8.43
N SER C 100 -2.97 -24.45 -9.49
CA SER C 100 -3.38 -23.25 -10.20
C SER C 100 -2.72 -23.11 -11.56
N TYR C 101 -3.56 -23.00 -12.59
CA TYR C 101 -3.14 -22.49 -13.88
C TYR C 101 -3.97 -21.24 -14.12
N GLY C 102 -3.46 -20.12 -13.61
CA GLY C 102 -4.21 -18.87 -13.63
C GLY C 102 -5.14 -18.82 -12.44
N GLY C 103 -6.34 -19.35 -12.60
CA GLY C 103 -7.26 -19.50 -11.49
C GLY C 103 -6.69 -20.52 -10.53
N ALA C 104 -7.27 -20.61 -9.34
CA ALA C 104 -6.76 -21.54 -8.33
C ALA C 104 -7.88 -22.10 -7.46
N ASP C 105 -7.67 -23.30 -6.96
CA ASP C 105 -8.58 -23.94 -6.02
C ASP C 105 -7.80 -24.98 -5.21
N TYR C 106 -8.40 -25.45 -4.13
CA TYR C 106 -7.74 -26.37 -3.21
C TYR C 106 -8.72 -27.44 -2.77
N LYS C 107 -8.21 -28.65 -2.53
CA LYS C 107 -9.01 -29.73 -1.97
C LYS C 107 -8.30 -30.39 -0.80
N ARG C 108 -9.08 -31.00 0.07
CA ARG C 108 -8.55 -31.70 1.24
C ARG C 108 -8.87 -33.18 1.10
N ILE C 109 -7.98 -34.01 1.61
CA ILE C 109 -8.13 -35.46 1.50
C ILE C 109 -7.63 -36.14 2.77
N THR C 110 -8.36 -37.15 3.21
CA THR C 110 -7.98 -37.93 4.39
C THR C 110 -7.36 -39.25 3.97
N VAL C 111 -6.33 -39.67 4.69
CA VAL C 111 -5.71 -40.96 4.48
C VAL C 111 -5.60 -41.69 5.82
N LYS C 112 -6.02 -42.94 5.84
CA LYS C 112 -5.85 -43.80 7.01
C LYS C 112 -5.03 -45.03 6.62
N VAL C 113 -4.23 -45.51 7.56
CA VAL C 113 -3.27 -46.59 7.28
C VAL C 113 -3.66 -47.89 8.01
N ASN C 114 -3.87 -48.94 7.22
CA ASN C 114 -4.28 -50.24 7.75
C ASN C 114 -3.08 -51.12 8.12
N ALA C 115 -3.37 -52.36 8.49
CA ALA C 115 -2.34 -53.38 8.66
C ALA C 115 -2.85 -54.66 8.01
#